data_5KTS
#
_entry.id   5KTS
#
_cell.length_a   47.293
_cell.length_b   52.476
_cell.length_c   55.588
_cell.angle_alpha   90.00
_cell.angle_beta   111.86
_cell.angle_gamma   90.00
#
_symmetry.space_group_name_H-M   'P 1 21 1'
#
loop_
_entity.id
_entity.type
_entity.pdbx_description
1 polymer 'Quinolinate synthase A'
2 non-polymer 'IRON/SULFUR CLUSTER'
3 non-polymer '(~{Z})-2-methylbut-2-enedioic acid'
4 non-polymer 'CHLORIDE ION'
5 non-polymer 'AMMONIUM ION'
6 water water
#
_entity_poly.entity_id   1
_entity_poly.type   'polypeptide(L)'
_entity_poly.pdbx_seq_one_letter_code
;GSFTMDLVEEILRLKEERNAIILAHNYQLPEVQDIADFIGDSLELARRATRVDADVIVFAGVDFMAETAKILNPDKVVLI
PSREATCAMANMLKVEHILEAKRKYPNAPVVLYVNSTAEAKAYADVTVTSANAVEVVKKLDSDVVIFGPDKNLAHYVAKM
TGKKIIPVPSKGHCYVHQKFTLDDVERAKKLHPNAKLMIHPECIPEVQEKADIIASTGGMIKRACEWDEWVVFTEREMVY
RLRKLYPQKKFYPAREDAFCIGMKAITLKNIYESLKDMKYKVEVPEEIARKARKAIERMLEMSK
;
_entity_poly.pdbx_strand_id   A
#
loop_
_chem_comp.id
_chem_comp.type
_chem_comp.name
_chem_comp.formula
CIZ non-polymer '(~{Z})-2-methylbut-2-enedioic acid' 'C5 H6 O4'
CL non-polymer 'CHLORIDE ION' 'Cl -1'
NH4 non-polymer 'AMMONIUM ION' 'H4 N 1'
SF4 non-polymer 'IRON/SULFUR CLUSTER' 'Fe4 S4'
#
# COMPACT_ATOMS: atom_id res chain seq x y z
N GLY A 1 40.00 -4.51 -13.09
CA GLY A 1 39.77 -3.70 -14.27
C GLY A 1 39.73 -2.21 -14.00
N SER A 2 39.43 -1.42 -15.03
CA SER A 2 39.36 0.03 -14.87
C SER A 2 38.04 0.51 -14.29
N PHE A 3 36.96 -0.25 -14.46
CA PHE A 3 35.66 0.20 -14.01
C PHE A 3 35.55 0.12 -12.49
N THR A 4 34.60 0.88 -11.94
CA THR A 4 34.33 0.88 -10.52
C THR A 4 32.87 0.52 -10.28
N MET A 5 32.29 1.00 -9.19
CA MET A 5 30.93 0.66 -8.81
C MET A 5 29.92 1.58 -9.47
N ASP A 6 28.78 1.01 -9.89
CA ASP A 6 27.62 1.76 -10.35
C ASP A 6 26.72 2.07 -9.14
N LEU A 7 25.51 2.59 -9.37
CA LEU A 7 24.62 2.88 -8.25
C LEU A 7 24.25 1.62 -7.49
N VAL A 8 24.02 0.52 -8.22
CA VAL A 8 23.66 -0.74 -7.58
C VAL A 8 24.77 -1.19 -6.64
N GLU A 9 26.01 -1.18 -7.13
CA GLU A 9 27.12 -1.60 -6.28
C GLU A 9 27.33 -0.64 -5.11
N GLU A 10 27.14 0.66 -5.33
CA GLU A 10 27.22 1.62 -4.23
C GLU A 10 26.15 1.35 -3.17
N ILE A 11 24.93 1.09 -3.62
CA ILE A 11 23.83 0.81 -2.70
C ILE A 11 24.13 -0.44 -1.89
N LEU A 12 24.64 -1.48 -2.56
CA LEU A 12 24.92 -2.73 -1.86
C LEU A 12 25.97 -2.51 -0.78
N ARG A 13 27.01 -1.73 -1.08
CA ARG A 13 28.03 -1.46 -0.07
C ARG A 13 27.44 -0.64 1.07
N LEU A 14 26.64 0.38 0.75
CA LEU A 14 26.06 1.20 1.81
C LEU A 14 25.07 0.43 2.68
N LYS A 15 24.31 -0.50 2.09
CA LYS A 15 23.42 -1.33 2.90
C LYS A 15 24.21 -2.08 3.97
N GLU A 16 25.38 -2.61 3.58
CA GLU A 16 26.24 -3.30 4.53
C GLU A 16 26.76 -2.32 5.58
N GLU A 17 27.24 -1.16 5.14
CA GLU A 17 27.83 -0.19 6.06
C GLU A 17 26.81 0.33 7.07
N ARG A 18 25.57 0.52 6.62
CA ARG A 18 24.52 1.07 7.47
C ARG A 18 23.74 0.02 8.23
N ASN A 19 23.98 -1.26 7.96
N ASN A 19 23.97 -1.27 7.98
CA ASN A 19 23.16 -2.34 8.49
CA ASN A 19 23.14 -2.33 8.54
C ASN A 19 21.69 -2.07 8.17
C ASN A 19 21.67 -2.10 8.17
N ALA A 20 21.43 -1.89 6.88
CA ALA A 20 20.14 -1.42 6.41
C ALA A 20 19.41 -2.52 5.64
N ILE A 21 18.09 -2.44 5.66
CA ILE A 21 17.23 -3.24 4.80
C ILE A 21 16.45 -2.28 3.92
N ILE A 22 16.22 -2.67 2.67
CA ILE A 22 15.39 -1.90 1.75
C ILE A 22 14.07 -2.62 1.57
N LEU A 23 12.98 -1.97 2.01
CA LEU A 23 11.63 -2.50 1.82
C LEU A 23 11.00 -1.74 0.67
N ALA A 24 10.39 -2.46 -0.27
CA ALA A 24 9.81 -1.82 -1.45
C ALA A 24 8.37 -2.27 -1.64
N HIS A 25 7.53 -1.33 -2.06
CA HIS A 25 6.18 -1.66 -2.48
C HIS A 25 6.21 -2.22 -3.91
N ASN A 26 5.18 -3.01 -4.23
CA ASN A 26 5.00 -3.61 -5.54
C ASN A 26 4.92 -2.60 -6.69
N TYR A 27 4.67 -1.31 -6.41
CA TYR A 27 4.57 -0.31 -7.48
C TYR A 27 5.89 0.39 -7.73
N GLN A 28 6.95 0.01 -7.06
CA GLN A 28 8.24 0.65 -7.29
C GLN A 28 8.75 0.33 -8.70
N LEU A 29 9.61 1.21 -9.21
CA LEU A 29 10.24 0.98 -10.51
C LEU A 29 10.93 -0.38 -10.54
N PRO A 30 10.96 -1.06 -11.69
CA PRO A 30 11.65 -2.36 -11.74
C PRO A 30 13.06 -2.34 -11.20
N GLU A 31 13.86 -1.33 -11.55
CA GLU A 31 15.25 -1.31 -11.08
C GLU A 31 15.34 -1.10 -9.57
N VAL A 32 14.32 -0.49 -8.97
CA VAL A 32 14.24 -0.39 -7.50
C VAL A 32 13.82 -1.71 -6.89
N GLN A 33 12.77 -2.34 -7.44
CA GLN A 33 12.41 -3.68 -6.99
C GLN A 33 13.62 -4.60 -7.02
N ASP A 34 14.46 -4.46 -8.05
CA ASP A 34 15.58 -5.38 -8.23
C ASP A 34 16.65 -5.23 -7.15
N ILE A 35 16.70 -4.12 -6.42
CA ILE A 35 17.65 -3.95 -5.33
C ILE A 35 17.03 -4.07 -3.95
N ALA A 36 15.72 -4.28 -3.87
CA ALA A 36 15.07 -4.35 -2.58
C ALA A 36 15.31 -5.70 -1.92
N ASP A 37 15.36 -5.69 -0.59
CA ASP A 37 15.47 -6.94 0.16
C ASP A 37 14.12 -7.63 0.29
N PHE A 38 13.04 -6.86 0.36
CA PHE A 38 11.70 -7.39 0.51
C PHE A 38 10.77 -6.50 -0.31
N ILE A 39 9.81 -7.12 -1.00
CA ILE A 39 8.83 -6.42 -1.82
C ILE A 39 7.45 -6.93 -1.42
N GLY A 40 6.48 -6.04 -1.25
CA GLY A 40 5.16 -6.53 -0.91
C GLY A 40 4.10 -5.44 -0.96
N ASP A 41 2.87 -5.84 -0.56
CA ASP A 41 1.72 -4.95 -0.47
C ASP A 41 1.71 -4.28 0.91
N SER A 42 0.67 -3.49 1.18
N SER A 42 0.67 -3.51 1.18
CA SER A 42 0.68 -2.70 2.41
CA SER A 42 0.65 -2.71 2.39
C SER A 42 0.66 -3.59 3.64
C SER A 42 0.66 -3.59 3.64
N LEU A 43 -0.15 -4.65 3.63
CA LEU A 43 -0.21 -5.54 4.80
C LEU A 43 1.10 -6.30 4.98
N GLU A 44 1.67 -6.81 3.89
CA GLU A 44 2.91 -7.57 3.99
C GLU A 44 4.06 -6.67 4.45
N LEU A 45 4.09 -5.43 3.99
CA LEU A 45 5.12 -4.50 4.47
C LEU A 45 4.95 -4.17 5.94
N ALA A 46 3.69 -4.03 6.40
CA ALA A 46 3.46 -3.80 7.82
C ALA A 46 3.91 -4.99 8.66
N ARG A 47 3.55 -6.20 8.23
CA ARG A 47 3.99 -7.40 8.95
C ARG A 47 5.50 -7.54 8.95
N ARG A 48 6.13 -7.31 7.80
CA ARG A 48 7.58 -7.43 7.69
C ARG A 48 8.28 -6.44 8.60
N ALA A 49 7.68 -5.27 8.81
CA ALA A 49 8.24 -4.26 9.71
C ALA A 49 8.21 -4.67 11.18
N THR A 50 7.57 -5.78 11.53
CA THR A 50 7.61 -6.27 12.90
C THR A 50 8.70 -7.31 13.11
N ARG A 51 9.48 -7.65 12.08
CA ARG A 51 10.59 -8.58 12.24
C ARG A 51 11.87 -8.01 11.63
N VAL A 52 12.09 -6.72 11.86
CA VAL A 52 13.28 -6.06 11.32
C VAL A 52 14.44 -6.28 12.29
N ASP A 53 15.46 -7.01 11.85
N ASP A 53 15.46 -6.99 11.84
CA ASP A 53 16.70 -7.12 12.60
CA ASP A 53 16.71 -7.15 12.59
C ASP A 53 17.62 -5.95 12.33
C ASP A 53 17.75 -6.11 12.23
N ALA A 54 17.56 -5.38 11.13
CA ALA A 54 18.47 -4.32 10.72
C ALA A 54 18.30 -3.07 11.58
N ASP A 55 19.31 -2.21 11.56
CA ASP A 55 19.26 -0.94 12.28
C ASP A 55 18.55 0.16 11.50
N VAL A 56 18.53 0.06 10.17
CA VAL A 56 18.05 1.13 9.30
C VAL A 56 17.08 0.51 8.30
N ILE A 57 15.93 1.15 8.11
CA ILE A 57 14.95 0.75 7.11
C ILE A 57 14.93 1.85 6.07
N VAL A 58 15.28 1.53 4.83
CA VAL A 58 15.07 2.42 3.70
C VAL A 58 13.75 2.00 3.07
N PHE A 59 12.78 2.91 3.05
CA PHE A 59 11.44 2.59 2.58
C PHE A 59 11.22 3.10 1.16
N ALA A 60 11.30 2.18 0.20
CA ALA A 60 11.01 2.50 -1.21
C ALA A 60 9.50 2.39 -1.39
N GLY A 61 8.82 3.47 -1.01
CA GLY A 61 7.38 3.56 -1.07
C GLY A 61 6.97 4.97 -0.70
N VAL A 62 5.70 5.15 -0.39
CA VAL A 62 5.22 6.50 -0.05
C VAL A 62 5.31 6.79 1.44
N ASP A 63 5.13 8.06 1.81
CA ASP A 63 5.43 8.48 3.18
C ASP A 63 4.60 7.78 4.23
N PHE A 64 3.30 7.56 3.96
N PHE A 64 3.33 7.53 3.95
CA PHE A 64 2.45 6.88 4.95
CA PHE A 64 2.51 6.90 5.00
C PHE A 64 2.99 5.47 5.24
C PHE A 64 2.81 5.42 5.15
N MET A 65 3.54 4.80 4.22
CA MET A 65 4.09 3.47 4.42
C MET A 65 5.34 3.52 5.27
N ALA A 66 6.22 4.50 5.01
CA ALA A 66 7.38 4.69 5.85
C ALA A 66 6.98 5.03 7.29
N GLU A 67 5.92 5.82 7.45
CA GLU A 67 5.47 6.17 8.80
C GLU A 67 4.94 4.94 9.53
N THR A 68 4.21 4.07 8.83
CA THR A 68 3.78 2.81 9.44
C THR A 68 4.98 2.00 9.92
N ALA A 69 6.02 1.90 9.09
CA ALA A 69 7.23 1.20 9.53
C ALA A 69 7.84 1.86 10.76
N LYS A 70 7.84 3.19 10.82
CA LYS A 70 8.41 3.89 11.96
C LYS A 70 7.59 3.67 13.22
N ILE A 71 6.25 3.65 13.07
CA ILE A 71 5.37 3.39 14.21
C ILE A 71 5.67 2.03 14.80
N LEU A 72 6.01 1.06 13.96
CA LEU A 72 6.33 -0.28 14.44
C LEU A 72 7.79 -0.42 14.87
N ASN A 73 8.64 0.59 14.62
CA ASN A 73 10.07 0.55 14.94
C ASN A 73 10.51 1.92 15.43
N PRO A 74 9.99 2.38 16.56
CA PRO A 74 10.26 3.77 16.97
C PRO A 74 11.72 4.06 17.20
N ASP A 75 12.51 3.04 17.52
CA ASP A 75 13.91 3.21 17.86
C ASP A 75 14.86 2.73 16.78
N LYS A 76 14.36 2.48 15.57
CA LYS A 76 15.22 2.27 14.40
C LYS A 76 15.11 3.50 13.51
N VAL A 77 16.13 3.70 12.69
CA VAL A 77 16.11 4.80 11.74
C VAL A 77 15.32 4.35 10.52
N VAL A 78 14.27 5.09 10.17
CA VAL A 78 13.49 4.84 8.97
C VAL A 78 13.69 6.02 8.03
N LEU A 79 14.12 5.73 6.80
CA LEU A 79 14.43 6.75 5.81
C LEU A 79 13.44 6.66 4.65
N ILE A 80 12.95 7.82 4.23
CA ILE A 80 12.18 7.91 2.99
C ILE A 80 13.05 8.65 1.98
N PRO A 81 13.31 8.07 0.80
CA PRO A 81 14.29 8.69 -0.11
C PRO A 81 13.88 10.04 -0.64
N SER A 82 12.58 10.31 -0.73
CA SER A 82 12.06 11.60 -1.16
C SER A 82 10.83 11.91 -0.33
N ARG A 83 10.77 13.14 0.21
CA ARG A 83 9.55 13.54 0.91
C ARG A 83 8.40 13.85 -0.03
N GLU A 84 8.64 13.88 -1.34
CA GLU A 84 7.55 13.99 -2.31
C GLU A 84 6.95 12.65 -2.70
N ALA A 85 7.40 11.54 -2.12
CA ALA A 85 6.75 10.24 -2.31
C ALA A 85 5.55 10.20 -1.39
N THR A 86 4.39 10.61 -1.89
N THR A 86 4.39 10.58 -1.92
CA THR A 86 3.21 10.69 -1.04
CA THR A 86 3.19 10.80 -1.13
C THR A 86 1.98 10.18 -1.80
C THR A 86 2.02 10.09 -1.80
N CYS A 87 0.94 9.91 -1.03
CA CYS A 87 -0.27 9.24 -1.51
C CYS A 87 -1.42 10.24 -1.56
N ALA A 88 -1.95 10.46 -2.76
CA ALA A 88 -3.06 11.40 -2.93
C ALA A 88 -4.30 10.91 -2.21
N MET A 89 -4.58 9.60 -2.25
CA MET A 89 -5.78 9.10 -1.58
C MET A 89 -5.69 9.29 -0.07
N ALA A 90 -4.53 8.99 0.52
CA ALA A 90 -4.38 9.07 1.97
C ALA A 90 -4.51 10.50 2.47
N ASN A 91 -4.01 11.45 1.70
CA ASN A 91 -4.13 12.84 2.13
C ASN A 91 -5.55 13.37 2.07
N MET A 92 -6.49 12.66 1.45
CA MET A 92 -7.88 13.11 1.41
C MET A 92 -8.57 13.04 2.77
N LEU A 93 -8.05 12.26 3.72
CA LEU A 93 -8.71 12.02 5.00
C LEU A 93 -8.06 12.87 6.09
N LYS A 94 -8.86 13.72 6.73
CA LYS A 94 -8.43 14.61 7.78
C LYS A 94 -9.09 14.24 9.10
N VAL A 95 -8.43 14.65 10.20
CA VAL A 95 -8.97 14.40 11.53
C VAL A 95 -10.41 14.90 11.65
N GLU A 96 -10.71 16.05 11.03
CA GLU A 96 -12.06 16.62 11.16
C GLU A 96 -13.12 15.67 10.62
N HIS A 97 -12.82 14.95 9.53
CA HIS A 97 -13.76 13.97 9.00
C HIS A 97 -14.05 12.88 10.02
N ILE A 98 -12.99 12.40 10.67
CA ILE A 98 -13.15 11.31 11.63
C ILE A 98 -13.96 11.76 12.84
N LEU A 99 -13.68 12.97 13.34
CA LEU A 99 -14.40 13.47 14.51
C LEU A 99 -15.88 13.65 14.22
N GLU A 100 -16.22 14.17 13.03
CA GLU A 100 -17.64 14.36 12.69
C GLU A 100 -18.35 13.02 12.61
N ALA A 101 -17.70 12.01 12.02
CA ALA A 101 -18.31 10.68 11.94
C ALA A 101 -18.45 10.04 13.31
N LYS A 102 -17.44 10.19 14.17
CA LYS A 102 -17.54 9.67 15.53
C LYS A 102 -18.69 10.32 16.29
N ARG A 103 -18.93 11.61 16.05
CA ARG A 103 -20.04 12.28 16.73
C ARG A 103 -21.36 11.64 16.34
N LYS A 104 -21.55 11.37 15.04
CA LYS A 104 -22.80 10.79 14.59
C LYS A 104 -22.93 9.33 15.02
N TYR A 105 -21.82 8.58 15.02
CA TYR A 105 -21.82 7.15 15.31
C TYR A 105 -20.81 6.83 16.40
N PRO A 106 -21.06 7.26 17.64
CA PRO A 106 -20.06 7.01 18.71
C PRO A 106 -19.80 5.54 19.00
N ASN A 107 -20.74 4.64 18.71
CA ASN A 107 -20.53 3.22 18.94
C ASN A 107 -19.97 2.50 17.72
N ALA A 108 -19.67 3.23 16.63
CA ALA A 108 -19.10 2.58 15.44
C ALA A 108 -17.58 2.53 15.57
N PRO A 109 -16.95 1.37 15.37
CA PRO A 109 -15.49 1.35 15.30
C PRO A 109 -15.00 2.20 14.14
N VAL A 110 -13.85 2.83 14.34
CA VAL A 110 -13.21 3.64 13.30
C VAL A 110 -12.15 2.77 12.65
N VAL A 111 -12.34 2.47 11.38
CA VAL A 111 -11.52 1.54 10.63
C VAL A 111 -10.82 2.32 9.53
N LEU A 112 -9.51 2.49 9.65
CA LEU A 112 -8.78 3.33 8.71
C LEU A 112 -7.80 2.51 7.87
N TYR A 113 -8.00 2.65 6.57
N TYR A 113 -7.50 2.98 6.67
CA TYR A 113 -7.13 2.06 5.57
CA TYR A 113 -6.35 2.44 5.94
C TYR A 113 -5.73 2.55 5.89
C TYR A 113 -5.05 2.58 6.74
N VAL A 114 -4.76 1.65 5.74
N VAL A 114 -4.24 1.52 6.77
CA VAL A 114 -3.36 2.01 6.00
CA VAL A 114 -3.01 1.50 7.57
C VAL A 114 -2.95 3.19 5.12
C VAL A 114 -2.01 2.56 7.14
N ASN A 115 -3.60 3.37 3.98
N ASN A 115 -2.06 3.00 5.89
CA ASN A 115 -3.41 4.57 3.17
CA ASN A 115 -1.17 4.06 5.42
C ASN A 115 -4.02 5.75 3.91
C ASN A 115 -1.92 5.36 5.18
N SER A 116 -3.32 6.20 4.95
N SER A 116 -2.89 5.65 6.04
CA SER A 116 -3.77 7.32 5.77
CA SER A 116 -3.42 7.00 6.18
C SER A 116 -2.59 7.86 6.54
C SER A 116 -2.34 7.87 6.83
N THR A 117 -2.71 9.10 7.01
N THR A 117 -2.66 9.13 7.08
CA THR A 117 -1.63 9.71 7.77
CA THR A 117 -1.74 9.94 7.86
C THR A 117 -1.54 9.11 9.17
C THR A 117 -1.64 9.35 9.27
N ALA A 118 -0.45 9.43 9.85
CA ALA A 118 -0.28 8.95 11.23
C ALA A 118 -1.27 9.64 12.17
N GLU A 119 -1.50 10.94 11.95
CA GLU A 119 -2.48 11.66 12.77
C GLU A 119 -3.85 11.03 12.67
N ALA A 120 -4.28 10.67 11.46
CA ALA A 120 -5.57 10.01 11.31
C ALA A 120 -5.60 8.65 11.99
N LYS A 121 -4.54 7.85 11.81
N LYS A 121 -4.53 7.86 11.83
CA LYS A 121 -4.49 6.53 12.46
CA LYS A 121 -4.47 6.54 12.45
C LYS A 121 -4.57 6.62 13.97
C LYS A 121 -4.58 6.62 13.96
N ALA A 122 -4.18 7.74 14.56
CA ALA A 122 -4.28 7.90 16.00
C ALA A 122 -5.72 7.83 16.48
N TYR A 123 -6.68 8.05 15.57
CA TYR A 123 -8.10 7.94 15.88
C TYR A 123 -8.72 6.61 15.49
N ALA A 124 -7.96 5.70 14.88
CA ALA A 124 -8.53 4.44 14.46
C ALA A 124 -8.59 3.46 15.63
N ASP A 125 -9.64 2.65 15.67
CA ASP A 125 -9.64 1.50 16.56
C ASP A 125 -8.83 0.36 15.96
N VAL A 126 -8.84 0.23 14.63
CA VAL A 126 -8.07 -0.78 13.93
C VAL A 126 -7.77 -0.24 12.55
N THR A 127 -6.61 -0.59 12.02
CA THR A 127 -6.30 -0.29 10.63
C THR A 127 -6.60 -1.49 9.75
N VAL A 128 -6.72 -1.24 8.44
CA VAL A 128 -6.94 -2.30 7.46
C VAL A 128 -6.15 -1.99 6.20
N THR A 129 -5.99 -3.01 5.38
CA THR A 129 -5.49 -2.83 4.02
C THR A 129 -6.50 -3.51 3.09
N SER A 130 -6.21 -3.44 1.79
CA SER A 130 -7.10 -4.09 0.82
C SER A 130 -7.14 -5.60 1.04
N ALA A 131 -6.10 -6.19 1.63
CA ALA A 131 -6.04 -7.63 1.80
C ALA A 131 -6.91 -8.13 2.95
N ASN A 132 -7.12 -7.32 3.99
CA ASN A 132 -7.81 -7.81 5.18
C ASN A 132 -9.02 -6.97 5.58
N ALA A 133 -9.42 -5.98 4.79
CA ALA A 133 -10.51 -5.09 5.22
C ALA A 133 -11.80 -5.85 5.45
N VAL A 134 -12.13 -6.80 4.57
CA VAL A 134 -13.36 -7.56 4.73
C VAL A 134 -13.32 -8.39 6.00
N GLU A 135 -12.22 -9.12 6.21
CA GLU A 135 -12.10 -9.99 7.38
C GLU A 135 -12.17 -9.18 8.67
N VAL A 136 -11.46 -8.05 8.73
CA VAL A 136 -11.44 -7.23 9.93
C VAL A 136 -12.83 -6.68 10.22
N VAL A 137 -13.48 -6.10 9.21
CA VAL A 137 -14.78 -5.47 9.42
C VAL A 137 -15.82 -6.52 9.80
N LYS A 138 -15.75 -7.70 9.20
CA LYS A 138 -16.66 -8.79 9.56
C LYS A 138 -16.57 -9.10 11.06
N LYS A 139 -15.36 -9.10 11.61
CA LYS A 139 -15.14 -9.53 12.99
C LYS A 139 -15.39 -8.42 14.02
N LEU A 140 -15.43 -7.17 13.60
CA LEU A 140 -15.68 -6.10 14.58
C LEU A 140 -17.08 -6.22 15.14
N ASP A 141 -17.21 -5.86 16.42
CA ASP A 141 -18.45 -6.05 17.17
C ASP A 141 -19.37 -4.84 16.99
N SER A 142 -19.89 -4.72 15.77
CA SER A 142 -20.80 -3.63 15.40
C SER A 142 -21.31 -3.93 14.00
N ASP A 143 -22.56 -3.54 13.75
CA ASP A 143 -23.15 -3.63 12.41
C ASP A 143 -22.86 -2.39 11.59
N VAL A 144 -22.22 -1.38 12.17
CA VAL A 144 -21.85 -0.16 11.46
C VAL A 144 -20.41 0.21 11.80
N VAL A 145 -19.64 0.58 10.77
CA VAL A 145 -18.26 0.97 10.97
C VAL A 145 -18.00 2.25 10.19
N ILE A 146 -17.15 3.09 10.76
CA ILE A 146 -16.61 4.25 10.07
C ILE A 146 -15.36 3.79 9.32
N PHE A 147 -15.25 4.15 8.03
CA PHE A 147 -14.24 3.53 7.17
C PHE A 147 -13.72 4.52 6.14
N GLY A 148 -12.40 4.58 5.97
CA GLY A 148 -11.84 5.37 4.89
C GLY A 148 -10.34 5.22 4.80
N PRO A 149 -9.71 5.95 3.86
CA PRO A 149 -10.31 6.99 3.01
C PRO A 149 -10.98 6.52 1.73
N ASP A 150 -10.76 5.29 1.29
CA ASP A 150 -11.10 4.93 -0.09
C ASP A 150 -12.55 4.46 -0.19
N LYS A 151 -13.36 5.21 -0.94
CA LYS A 151 -14.79 4.89 -1.09
C LYS A 151 -15.02 3.66 -1.97
N ASN A 152 -14.10 3.34 -2.87
CA ASN A 152 -14.26 2.16 -3.70
C ASN A 152 -13.96 0.89 -2.92
N LEU A 153 -12.90 0.90 -2.09
CA LEU A 153 -12.71 -0.18 -1.14
C LEU A 153 -13.88 -0.27 -0.16
N ALA A 154 -14.41 0.89 0.28
CA ALA A 154 -15.55 0.87 1.18
C ALA A 154 -16.73 0.16 0.55
N HIS A 155 -16.95 0.39 -0.75
CA HIS A 155 -18.05 -0.27 -1.44
C HIS A 155 -17.86 -1.78 -1.43
N TYR A 156 -16.64 -2.25 -1.72
CA TYR A 156 -16.36 -3.68 -1.71
C TYR A 156 -16.59 -4.27 -0.32
N VAL A 157 -16.09 -3.59 0.72
CA VAL A 157 -16.28 -4.05 2.09
C VAL A 157 -17.77 -4.13 2.43
N ALA A 158 -18.54 -3.09 2.07
CA ALA A 158 -19.97 -3.12 2.35
C ALA A 158 -20.63 -4.31 1.66
N LYS A 159 -20.26 -4.57 0.41
CA LYS A 159 -20.85 -5.68 -0.33
C LYS A 159 -20.53 -7.02 0.33
N MET A 160 -19.27 -7.21 0.73
CA MET A 160 -18.83 -8.51 1.21
C MET A 160 -19.23 -8.79 2.65
N THR A 161 -19.39 -7.76 3.49
CA THR A 161 -19.71 -7.98 4.89
C THR A 161 -21.19 -7.77 5.21
N GLY A 162 -21.93 -7.07 4.35
CA GLY A 162 -23.29 -6.71 4.64
C GLY A 162 -23.46 -5.64 5.70
N LYS A 163 -22.38 -5.07 6.21
CA LYS A 163 -22.47 -4.08 7.28
C LYS A 163 -22.62 -2.67 6.71
N LYS A 164 -23.07 -1.76 7.57
CA LYS A 164 -23.25 -0.37 7.18
C LYS A 164 -21.90 0.34 7.28
N ILE A 165 -21.46 0.93 6.17
CA ILE A 165 -20.14 1.55 6.10
C ILE A 165 -20.34 3.05 6.03
N ILE A 166 -19.77 3.77 6.99
CA ILE A 166 -19.85 5.23 7.01
C ILE A 166 -18.53 5.76 6.44
N PRO A 167 -18.49 6.25 5.20
CA PRO A 167 -17.21 6.68 4.62
C PRO A 167 -16.68 7.96 5.22
N VAL A 168 -15.37 8.01 5.41
CA VAL A 168 -14.63 9.24 5.72
C VAL A 168 -13.44 9.31 4.77
N PRO A 169 -13.29 10.41 4.02
CA PRO A 169 -14.23 11.51 3.79
C PRO A 169 -15.34 11.03 2.86
N SER A 170 -16.03 11.95 2.17
CA SER A 170 -17.15 11.53 1.34
C SER A 170 -16.71 10.96 0.00
N LYS A 171 -15.58 11.41 -0.54
CA LYS A 171 -15.19 11.04 -1.91
C LYS A 171 -13.72 10.62 -2.00
N GLY A 172 -13.20 9.94 -0.99
CA GLY A 172 -11.82 9.50 -1.04
C GLY A 172 -11.61 8.46 -2.13
N HIS A 173 -10.55 8.62 -2.92
CA HIS A 173 -10.28 7.64 -3.97
C HIS A 173 -8.83 7.79 -4.41
N CYS A 174 -8.36 6.77 -5.14
CA CYS A 174 -7.04 6.74 -5.74
C CYS A 174 -7.16 7.06 -7.22
N TYR A 175 -6.53 8.16 -7.67
CA TYR A 175 -6.65 8.56 -9.07
C TYR A 175 -6.09 7.50 -10.02
N VAL A 176 -5.09 6.73 -9.58
CA VAL A 176 -4.53 5.68 -10.42
C VAL A 176 -5.59 4.64 -10.75
N HIS A 177 -6.25 4.11 -9.70
CA HIS A 177 -7.24 3.06 -9.90
C HIS A 177 -8.55 3.57 -10.47
N GLN A 178 -8.88 4.84 -10.23
CA GLN A 178 -10.06 5.44 -10.83
C GLN A 178 -9.95 5.55 -12.35
N LYS A 179 -8.73 5.41 -12.91
N LYS A 179 -8.74 5.45 -12.91
CA LYS A 179 -8.51 5.50 -14.36
CA LYS A 179 -8.60 5.51 -14.37
C LYS A 179 -9.07 4.31 -15.13
C LYS A 179 -9.38 4.40 -15.06
N PHE A 180 -9.38 3.21 -14.47
CA PHE A 180 -9.90 2.03 -15.17
C PHE A 180 -11.40 2.12 -15.42
N THR A 181 -11.80 1.78 -16.64
CA THR A 181 -13.20 1.88 -17.04
C THR A 181 -13.68 0.55 -17.61
N LEU A 182 -15.01 0.48 -17.82
CA LEU A 182 -15.58 -0.67 -18.49
C LEU A 182 -15.01 -0.84 -19.89
N ASP A 183 -14.64 0.26 -20.56
CA ASP A 183 -14.02 0.13 -21.87
C ASP A 183 -12.67 -0.57 -21.79
N ASP A 184 -11.93 -0.34 -20.70
CA ASP A 184 -10.67 -1.06 -20.50
C ASP A 184 -10.93 -2.55 -20.31
N VAL A 185 -12.01 -2.90 -19.61
CA VAL A 185 -12.38 -4.31 -19.49
C VAL A 185 -12.68 -4.90 -20.86
N GLU A 186 -13.48 -4.19 -21.66
CA GLU A 186 -13.84 -4.71 -22.98
C GLU A 186 -12.62 -4.90 -23.86
N ARG A 187 -11.72 -3.91 -23.87
CA ARG A 187 -10.52 -4.01 -24.69
C ARG A 187 -9.65 -5.17 -24.23
N ALA A 188 -9.47 -5.31 -22.91
CA ALA A 188 -8.64 -6.38 -22.37
C ALA A 188 -9.17 -7.75 -22.79
N LYS A 189 -10.48 -7.93 -22.72
CA LYS A 189 -11.06 -9.21 -23.08
C LYS A 189 -11.00 -9.48 -24.57
N LYS A 190 -11.08 -8.43 -25.39
CA LYS A 190 -10.93 -8.60 -26.83
C LYS A 190 -9.49 -8.94 -27.20
N LEU A 191 -8.52 -8.26 -26.59
CA LEU A 191 -7.12 -8.47 -26.94
C LEU A 191 -6.58 -9.77 -26.35
N HIS A 192 -7.08 -10.18 -25.20
CA HIS A 192 -6.56 -11.33 -24.47
C HIS A 192 -7.75 -12.18 -24.03
N PRO A 193 -8.43 -12.83 -24.99
CA PRO A 193 -9.68 -13.54 -24.65
C PRO A 193 -9.50 -14.73 -23.73
N ASN A 194 -8.29 -15.27 -23.62
CA ASN A 194 -8.05 -16.38 -22.70
C ASN A 194 -7.55 -15.93 -21.34
N ALA A 195 -7.38 -14.64 -21.12
CA ALA A 195 -6.87 -14.16 -19.84
C ALA A 195 -8.01 -13.97 -18.86
N LYS A 196 -7.70 -14.11 -17.59
CA LYS A 196 -8.61 -13.70 -16.53
C LYS A 196 -8.17 -12.34 -16.00
N LEU A 197 -9.09 -11.66 -15.32
CA LEU A 197 -8.88 -10.27 -14.91
C LEU A 197 -8.68 -10.22 -13.40
N MET A 198 -7.54 -9.67 -12.97
CA MET A 198 -7.31 -9.42 -11.56
C MET A 198 -7.46 -7.92 -11.32
N ILE A 199 -8.36 -7.56 -10.42
CA ILE A 199 -8.82 -6.19 -10.27
C ILE A 199 -8.68 -5.76 -8.81
N HIS A 200 -8.03 -4.62 -8.60
CA HIS A 200 -7.84 -4.09 -7.27
C HIS A 200 -9.16 -3.49 -6.75
N PRO A 201 -9.47 -3.65 -5.46
CA PRO A 201 -10.72 -3.06 -4.92
C PRO A 201 -10.73 -1.54 -4.85
N GLU A 202 -9.62 -0.86 -5.16
N GLU A 202 -9.63 -0.86 -5.17
CA GLU A 202 -9.64 0.59 -5.32
CA GLU A 202 -9.70 0.59 -5.31
C GLU A 202 -10.23 1.01 -6.66
C GLU A 202 -10.17 1.03 -6.69
N CYS A 203 -10.46 0.08 -7.58
CA CYS A 203 -11.15 0.40 -8.83
C CYS A 203 -12.64 0.65 -8.55
N ILE A 204 -13.30 1.33 -9.49
CA ILE A 204 -14.71 1.68 -9.29
C ILE A 204 -15.58 0.42 -9.26
N PRO A 205 -16.72 0.47 -8.56
CA PRO A 205 -17.54 -0.75 -8.41
C PRO A 205 -17.90 -1.43 -9.72
N GLU A 206 -18.24 -0.68 -10.76
CA GLU A 206 -18.67 -1.34 -12.00
C GLU A 206 -17.52 -2.11 -12.64
N VAL A 207 -16.28 -1.69 -12.39
CA VAL A 207 -15.13 -2.43 -12.89
C VAL A 207 -14.85 -3.63 -11.98
N GLN A 208 -14.97 -3.45 -10.67
CA GLN A 208 -14.87 -4.57 -9.74
C GLN A 208 -15.79 -5.71 -10.16
N GLU A 209 -16.99 -5.39 -10.63
CA GLU A 209 -17.99 -6.40 -10.94
C GLU A 209 -17.60 -7.24 -12.15
N LYS A 210 -16.61 -6.81 -12.93
CA LYS A 210 -16.14 -7.57 -14.06
C LYS A 210 -14.95 -8.46 -13.73
N ALA A 211 -14.47 -8.43 -12.49
CA ALA A 211 -13.23 -9.12 -12.13
C ALA A 211 -13.45 -10.62 -12.10
N ASP A 212 -12.39 -11.37 -12.45
CA ASP A 212 -12.32 -12.77 -12.05
C ASP A 212 -11.88 -12.88 -10.60
N ILE A 213 -10.90 -12.08 -10.18
CA ILE A 213 -10.53 -11.98 -8.78
C ILE A 213 -10.41 -10.51 -8.40
N ILE A 214 -10.90 -10.18 -7.21
CA ILE A 214 -10.70 -8.88 -6.58
C ILE A 214 -9.68 -9.10 -5.48
N ALA A 215 -8.57 -8.37 -5.51
CA ALA A 215 -7.50 -8.64 -4.56
C ALA A 215 -6.60 -7.42 -4.43
N SER A 216 -5.95 -7.30 -3.27
CA SER A 216 -4.79 -6.42 -3.14
C SER A 216 -3.67 -6.96 -4.02
N THR A 217 -2.60 -6.17 -4.16
CA THR A 217 -1.47 -6.67 -4.94
C THR A 217 -0.90 -7.94 -4.32
N GLY A 218 -0.93 -8.05 -2.99
CA GLY A 218 -0.48 -9.30 -2.37
C GLY A 218 -1.39 -10.46 -2.71
N GLY A 219 -2.71 -10.22 -2.73
CA GLY A 219 -3.63 -11.27 -3.12
C GLY A 219 -3.51 -11.63 -4.58
N MET A 220 -3.19 -10.65 -5.43
CA MET A 220 -2.94 -10.96 -6.84
C MET A 220 -1.78 -11.94 -6.97
N ILE A 221 -0.70 -11.71 -6.21
CA ILE A 221 0.42 -12.64 -6.23
C ILE A 221 0.02 -13.99 -5.69
N LYS A 222 -0.76 -14.01 -4.61
CA LYS A 222 -1.17 -15.29 -4.03
C LYS A 222 -2.04 -16.10 -4.99
N ARG A 223 -2.95 -15.44 -5.70
CA ARG A 223 -3.93 -16.15 -6.51
C ARG A 223 -3.53 -16.29 -7.98
N ALA A 224 -2.37 -15.75 -8.38
CA ALA A 224 -1.94 -15.87 -9.77
C ALA A 224 -1.77 -17.33 -10.19
N CYS A 225 -1.53 -18.23 -9.25
CA CYS A 225 -1.41 -19.65 -9.61
C CYS A 225 -2.69 -20.22 -10.17
N GLU A 226 -3.82 -19.53 -10.06
CA GLU A 226 -5.10 -20.09 -10.49
C GLU A 226 -5.30 -20.06 -12.00
N TRP A 227 -4.46 -19.36 -12.75
CA TRP A 227 -4.61 -19.29 -14.20
C TRP A 227 -3.26 -18.94 -14.80
N ASP A 228 -3.12 -19.14 -16.11
CA ASP A 228 -1.82 -18.91 -16.76
C ASP A 228 -1.68 -17.56 -17.45
N GLU A 229 -2.76 -16.76 -17.49
N GLU A 229 -2.78 -16.81 -17.61
CA GLU A 229 -2.77 -15.55 -18.29
CA GLU A 229 -2.75 -15.52 -18.29
C GLU A 229 -3.68 -14.53 -17.60
C GLU A 229 -3.64 -14.56 -17.53
N TRP A 230 -3.14 -13.36 -17.27
CA TRP A 230 -3.89 -12.38 -16.49
C TRP A 230 -3.76 -10.97 -17.05
N VAL A 231 -4.87 -10.24 -17.06
CA VAL A 231 -4.85 -8.79 -17.26
C VAL A 231 -4.92 -8.13 -15.90
N VAL A 232 -4.04 -7.15 -15.66
CA VAL A 232 -3.76 -6.63 -14.32
C VAL A 232 -4.34 -5.22 -14.19
N PHE A 233 -5.43 -5.09 -13.43
CA PHE A 233 -6.08 -3.78 -13.22
C PHE A 233 -5.56 -3.17 -11.92
N THR A 234 -4.30 -2.75 -11.98
CA THR A 234 -3.69 -1.96 -10.92
C THR A 234 -2.54 -1.17 -11.53
N GLU A 235 -1.78 -0.47 -10.68
CA GLU A 235 -0.67 0.35 -11.13
C GLU A 235 0.29 -0.50 -11.96
N ARG A 236 0.77 0.07 -13.08
CA ARG A 236 1.35 -0.78 -14.13
C ARG A 236 2.65 -1.46 -13.72
N GLU A 237 3.36 -0.96 -12.71
CA GLU A 237 4.59 -1.64 -12.31
C GLU A 237 4.31 -3.00 -11.68
N MET A 238 3.06 -3.25 -11.29
CA MET A 238 2.71 -4.58 -10.80
C MET A 238 2.92 -5.65 -11.87
N VAL A 239 2.79 -5.29 -13.15
CA VAL A 239 3.05 -6.24 -14.22
C VAL A 239 4.50 -6.75 -14.15
N TYR A 240 5.46 -5.86 -13.92
CA TYR A 240 6.85 -6.29 -13.77
C TYR A 240 7.00 -7.24 -12.60
N ARG A 241 6.39 -6.91 -11.46
CA ARG A 241 6.48 -7.77 -10.28
C ARG A 241 5.96 -9.17 -10.60
N LEU A 242 4.79 -9.25 -11.22
CA LEU A 242 4.19 -10.54 -11.51
C LEU A 242 5.01 -11.33 -12.51
N ARG A 243 5.55 -10.66 -13.53
CA ARG A 243 6.38 -11.35 -14.52
C ARG A 243 7.66 -11.91 -13.91
N LYS A 244 8.25 -11.18 -12.95
CA LYS A 244 9.44 -11.68 -12.27
C LYS A 244 9.11 -12.89 -11.40
N LEU A 245 7.97 -12.86 -10.71
CA LEU A 245 7.64 -13.98 -9.84
C LEU A 245 7.25 -15.22 -10.64
N TYR A 246 6.53 -15.04 -11.73
CA TYR A 246 5.98 -16.14 -12.51
C TYR A 246 6.38 -15.98 -13.98
N PRO A 247 7.64 -16.26 -14.31
CA PRO A 247 8.09 -16.07 -15.71
C PRO A 247 7.36 -16.96 -16.70
N GLN A 248 6.72 -18.04 -16.25
CA GLN A 248 6.04 -18.96 -17.15
C GLN A 248 4.61 -18.53 -17.47
N LYS A 249 4.07 -17.54 -16.76
CA LYS A 249 2.72 -17.05 -17.02
C LYS A 249 2.79 -15.83 -17.95
N LYS A 250 1.61 -15.36 -18.36
CA LYS A 250 1.51 -14.15 -19.17
C LYS A 250 0.72 -13.10 -18.39
N PHE A 251 1.26 -11.88 -18.35
CA PHE A 251 0.61 -10.76 -17.68
C PHE A 251 0.56 -9.58 -18.62
N TYR A 252 -0.58 -8.88 -18.62
CA TYR A 252 -0.76 -7.72 -19.47
C TYR A 252 -1.30 -6.58 -18.62
N PRO A 253 -0.79 -5.35 -18.79
CA PRO A 253 -1.39 -4.21 -18.10
C PRO A 253 -2.79 -3.94 -18.64
N ALA A 254 -3.72 -3.63 -17.73
CA ALA A 254 -5.02 -3.15 -18.18
C ALA A 254 -4.88 -1.77 -18.83
N ARG A 255 -4.02 -0.93 -18.27
N ARG A 255 -4.00 -0.93 -18.28
CA ARG A 255 -3.65 0.37 -18.84
CA ARG A 255 -3.66 0.36 -18.88
C ARG A 255 -2.19 0.61 -18.51
C ARG A 255 -2.22 0.65 -18.52
N GLU A 256 -1.36 0.81 -19.53
CA GLU A 256 0.01 1.23 -19.29
C GLU A 256 0.08 2.57 -18.58
N ASP A 257 -0.91 3.46 -18.77
CA ASP A 257 -0.86 4.81 -18.19
C ASP A 257 -1.36 4.89 -16.75
N ALA A 258 -1.61 3.75 -16.10
CA ALA A 258 -2.00 3.74 -14.70
C ALA A 258 -0.73 3.81 -13.87
N PHE A 259 -0.37 5.03 -13.49
N PHE A 259 -0.25 5.03 -13.65
CA PHE A 259 0.96 5.37 -12.98
CA PHE A 259 0.99 5.23 -12.91
C PHE A 259 0.80 6.21 -11.72
C PHE A 259 0.74 6.10 -11.70
N CYS A 260 1.42 5.78 -10.62
CA CYS A 260 1.40 6.57 -9.38
C CYS A 260 2.64 7.47 -9.35
N ILE A 261 2.42 8.78 -9.50
CA ILE A 261 3.52 9.75 -9.47
C ILE A 261 4.26 9.68 -8.13
N GLY A 262 3.52 9.53 -7.03
CA GLY A 262 4.18 9.48 -5.72
C GLY A 262 5.13 8.30 -5.57
N MET A 263 4.69 7.12 -6.01
CA MET A 263 5.56 5.95 -5.97
C MET A 263 6.83 6.20 -6.78
N LYS A 264 6.70 6.84 -7.93
CA LYS A 264 7.84 7.07 -8.81
C LYS A 264 8.68 8.28 -8.39
N ALA A 265 8.40 8.90 -7.25
CA ALA A 265 9.35 9.84 -6.66
C ALA A 265 10.60 9.12 -6.18
N ILE A 266 10.52 7.81 -5.96
CA ILE A 266 11.65 7.02 -5.49
C ILE A 266 12.46 6.58 -6.70
N THR A 267 13.77 6.81 -6.65
CA THR A 267 14.66 6.45 -7.74
C THR A 267 15.85 5.68 -7.18
N LEU A 268 16.56 4.99 -8.07
CA LEU A 268 17.80 4.37 -7.64
C LEU A 268 18.75 5.40 -7.06
N LYS A 269 18.86 6.56 -7.71
CA LYS A 269 19.79 7.59 -7.24
C LYS A 269 19.42 8.08 -5.85
N ASN A 270 18.13 8.33 -5.60
CA ASN A 270 17.80 8.83 -4.26
C ASN A 270 17.80 7.74 -3.20
N ILE A 271 17.69 6.46 -3.58
CA ILE A 271 17.98 5.40 -2.60
C ILE A 271 19.45 5.41 -2.22
N TYR A 272 20.34 5.57 -3.22
CA TYR A 272 21.76 5.71 -2.93
C TYR A 272 22.00 6.90 -1.99
N GLU A 273 21.43 8.05 -2.33
CA GLU A 273 21.61 9.24 -1.51
C GLU A 273 21.02 9.08 -0.12
N SER A 274 19.93 8.32 -0.01
N SER A 274 19.90 8.35 0.00
CA SER A 274 19.30 8.07 1.29
CA SER A 274 19.32 8.07 1.30
C SER A 274 20.26 7.33 2.21
C SER A 274 20.32 7.37 2.20
N LEU A 275 20.89 6.27 1.71
CA LEU A 275 21.85 5.54 2.52
C LEU A 275 23.11 6.35 2.76
N LYS A 276 23.57 7.08 1.73
CA LYS A 276 24.82 7.82 1.88
C LYS A 276 24.69 8.88 2.96
N ASP A 277 23.57 9.60 2.97
CA ASP A 277 23.40 10.77 3.81
C ASP A 277 22.48 10.53 5.00
N MET A 278 21.93 9.31 5.14
CA MET A 278 21.00 8.98 6.22
C MET A 278 19.79 9.92 6.23
N LYS A 279 19.12 10.01 5.08
CA LYS A 279 17.98 10.92 4.92
C LYS A 279 16.92 10.24 4.05
N TYR A 280 15.67 10.68 4.06
CA TYR A 280 15.13 11.64 5.02
C TYR A 280 14.56 10.88 6.19
N LYS A 281 14.97 11.27 7.39
CA LYS A 281 14.56 10.55 8.60
C LYS A 281 13.08 10.74 8.84
N VAL A 282 12.36 9.64 8.99
CA VAL A 282 10.93 9.65 9.24
C VAL A 282 10.70 9.62 10.75
N GLU A 283 9.94 10.58 11.24
CA GLU A 283 9.65 10.70 12.65
C GLU A 283 8.14 10.82 12.83
N VAL A 284 7.64 10.23 13.91
CA VAL A 284 6.21 10.30 14.23
C VAL A 284 6.12 10.69 15.69
N PRO A 285 5.38 11.75 16.04
CA PRO A 285 5.29 12.18 17.44
C PRO A 285 4.77 11.06 18.32
N GLU A 286 5.31 10.98 19.54
CA GLU A 286 5.11 9.83 20.41
C GLU A 286 3.64 9.54 20.68
N GLU A 287 2.84 10.56 20.99
CA GLU A 287 1.45 10.30 21.31
C GLU A 287 0.69 9.74 20.12
N ILE A 288 0.89 10.33 18.94
N ILE A 288 0.91 10.34 18.94
CA ILE A 288 0.28 9.81 17.72
CA ILE A 288 0.32 9.84 17.70
C ILE A 288 0.78 8.40 17.44
C ILE A 288 0.80 8.42 17.42
N ALA A 289 2.09 8.17 17.59
CA ALA A 289 2.66 6.87 17.27
C ALA A 289 2.09 5.76 18.16
N ARG A 290 1.97 6.04 19.46
N ARG A 290 1.98 6.03 19.47
CA ARG A 290 1.48 5.02 20.38
CA ARG A 290 1.47 5.02 20.39
C ARG A 290 0.03 4.65 20.09
C ARG A 290 0.03 4.65 20.03
N LYS A 291 -0.80 5.65 19.75
CA LYS A 291 -2.19 5.39 19.42
C LYS A 291 -2.31 4.66 18.09
N ALA A 292 -1.56 5.10 17.07
CA ALA A 292 -1.54 4.40 15.81
C ALA A 292 -1.05 2.97 15.98
N ARG A 293 -0.01 2.77 16.80
CA ARG A 293 0.54 1.43 16.98
C ARG A 293 -0.50 0.49 17.56
N LYS A 294 -1.34 0.97 18.49
CA LYS A 294 -2.39 0.12 19.05
C LYS A 294 -3.34 -0.37 17.96
N ALA A 295 -3.71 0.52 17.03
CA ALA A 295 -4.61 0.14 15.94
C ALA A 295 -3.93 -0.79 14.95
N ILE A 296 -2.63 -0.58 14.68
CA ILE A 296 -1.94 -1.41 13.71
C ILE A 296 -1.69 -2.79 14.29
N GLU A 297 -1.27 -2.86 15.55
N GLU A 297 -1.30 -2.87 15.56
CA GLU A 297 -1.09 -4.15 16.22
CA GLU A 297 -1.09 -4.16 16.19
C GLU A 297 -2.40 -4.92 16.25
C GLU A 297 -2.39 -4.94 16.34
N ARG A 298 -3.51 -4.24 16.55
CA ARG A 298 -4.81 -4.92 16.54
C ARG A 298 -5.10 -5.48 15.15
N MET A 299 -4.77 -4.73 14.10
CA MET A 299 -4.96 -5.23 12.74
C MET A 299 -4.17 -6.50 12.51
N LEU A 300 -2.90 -6.51 12.91
CA LEU A 300 -2.06 -7.70 12.70
C LEU A 300 -2.59 -8.89 13.49
N GLU A 301 -3.12 -8.64 14.68
CA GLU A 301 -3.72 -9.71 15.47
C GLU A 301 -4.99 -10.24 14.83
N MET A 302 -5.76 -9.38 14.16
CA MET A 302 -7.02 -9.78 13.55
C MET A 302 -6.87 -10.41 12.18
N SER A 303 -5.67 -10.38 11.59
CA SER A 303 -5.45 -10.98 10.28
C SER A 303 -4.08 -11.65 10.18
FE1 SF4 B . -1.89 6.39 -3.11
FE2 SF4 B . -0.39 6.04 -5.33
FE3 SF4 B . -3.04 5.34 -5.31
FE4 SF4 B . -1.19 3.99 -3.78
S1 SF4 B . -1.31 4.10 -6.09
S2 SF4 B . -3.33 4.64 -3.20
S3 SF4 B . 0.24 5.68 -3.21
S4 SF4 B . -2.21 7.46 -5.09
O4 CIZ C . -0.56 -3.09 -2.66
C5 CIZ C . -1.87 -2.85 -2.65
O3 CIZ C . -2.69 -3.71 -2.93
C3 CIZ C . -2.30 -1.50 -2.27
C4 CIZ C . -2.24 -0.41 -3.30
C2 CIZ C . -2.77 -1.25 -1.03
C1 CIZ C . -2.90 -2.28 0.03
O1 CIZ C . -2.23 -3.30 0.06
O2 CIZ C . -3.82 -2.07 0.97
CL CL D . 15.70 -7.31 8.76
CL CL E . 5.51 -20.91 -9.80
CL CL F . -0.44 2.12 -2.71
N NH4 G . -21.30 -7.69 21.82
#